data_1FIZ
#
_entry.id   1FIZ
#
_cell.length_a   130.640
_cell.length_b   130.640
_cell.length_c   130.640
_cell.angle_alpha   90.00
_cell.angle_beta   90.00
_cell.angle_gamma   90.00
#
_symmetry.space_group_name_H-M   'P 43 3 2'
#
loop_
_entity.id
_entity.type
_entity.pdbx_description
1 polymer 'BETA-ACROSIN HEAVY CHAIN'
2 polymer 'BETA-ACROSIN LIGHT CHAIN'
3 branched beta-D-mannopyranose-(1-4)-2-acetamido-2-deoxy-alpha-D-glucopyranose-(1-4)-[beta-L-fucopyranose-(1-6)]2-acetamido-2-deoxy-beta-D-glucopyranose
4 non-polymer 'SULFATE ION'
5 non-polymer 'P-AMINO BENZAMIDINE'
6 water water
#
loop_
_entity_poly.entity_id
_entity_poly.type
_entity_poly.pdbx_seq_one_letter_code
_entity_poly.pdbx_strand_id
1 'polypeptide(L)'
;VVGGMSAEPGAWPWMVSLQIFMYHNNRRYHTCGGILLNSHWVLTAAHCFKNKKKVTDWRLIFGANEVVWGSNKPVKPPLQ
ERFVEEIIIHEKYVSGLEINDIALIKITPPVPCGPFIGPGCLPQFKAGPPRAPQTCWVTGWGYLKEKGPRTSPTLQEARV
ALIDLELCNSTRWYNGRIRSTNVCAGYPRGKIDTCQGDSGGPLMCRDRAENTFVVVGITSWGVGCARAKRPGVYTSTWPY
LNWIASKIGSNALQMVQLGTPPR
;
A
2 'polypeptide(L)' RDNATCDGPCGLRFRQKLESGMR L
#
loop_
_chem_comp.id
_chem_comp.type
_chem_comp.name
_chem_comp.formula
BMA D-saccharide, beta linking beta-D-mannopyranose 'C6 H12 O6'
FUL L-saccharide, beta linking beta-L-fucopyranose 'C6 H12 O5'
NAG D-saccharide, beta linking 2-acetamido-2-deoxy-beta-D-glucopyranose 'C8 H15 N O6'
NDG D-saccharide, alpha linking 2-acetamido-2-deoxy-alpha-D-glucopyranose 'C8 H15 N O6'
PBZ non-polymer 'P-AMINO BENZAMIDINE' 'C7 H10 N3 1'
SO4 non-polymer 'SULFATE ION' 'O4 S -2'
#
# COMPACT_ATOMS: atom_id res chain seq x y z
N VAL A 1 2.01 -4.09 11.25
CA VAL A 1 2.70 -5.31 10.70
C VAL A 1 3.16 -6.24 11.84
N VAL A 2 2.68 -7.45 11.84
CA VAL A 2 3.11 -8.41 12.80
C VAL A 2 4.48 -8.95 12.46
N GLY A 3 5.41 -8.68 13.35
CA GLY A 3 6.79 -9.06 13.13
C GLY A 3 7.57 -7.85 12.60
N GLY A 4 8.74 -8.07 12.04
CA GLY A 4 9.43 -6.90 11.53
C GLY A 4 9.70 -5.78 12.49
N MET A 5 10.56 -4.88 12.08
CA MET A 5 11.03 -3.78 12.90
C MET A 5 10.61 -2.44 12.34
N SER A 6 10.97 -1.38 13.04
CA SER A 6 10.65 -0.07 12.61
C SER A 6 11.40 0.36 11.36
N ALA A 7 10.90 1.34 10.66
CA ALA A 7 11.65 1.77 9.48
C ALA A 7 12.43 3.04 9.74
N GLU A 8 13.40 3.33 8.88
CA GLU A 8 14.17 4.53 9.05
C GLU A 8 13.69 5.62 8.10
N PRO A 9 13.65 6.82 8.65
CA PRO A 9 13.22 8.01 7.90
C PRO A 9 13.73 8.01 6.47
N GLY A 10 12.83 8.22 5.54
CA GLY A 10 13.15 8.21 4.12
C GLY A 10 13.26 6.82 3.49
N ALA A 11 13.15 5.79 4.33
CA ALA A 11 13.27 4.45 3.81
C ALA A 11 12.12 4.18 2.82
N TRP A 12 10.91 4.71 3.04
CA TRP A 12 9.85 4.40 2.10
C TRP A 12 9.02 5.63 1.81
N PRO A 13 9.55 6.56 1.05
CA PRO A 13 8.91 7.85 0.78
C PRO A 13 7.59 7.84 0.01
N TRP A 14 7.12 6.70 -0.47
CA TRP A 14 5.81 6.65 -1.13
C TRP A 14 4.72 6.19 -0.15
N MET A 15 5.06 5.88 1.08
CA MET A 15 4.04 5.57 2.07
C MET A 15 3.16 6.72 2.45
N VAL A 16 1.82 6.57 2.32
CA VAL A 16 0.86 7.58 2.71
C VAL A 16 0.00 6.96 3.75
N SER A 17 -0.41 7.76 4.71
CA SER A 17 -1.27 7.28 5.76
C SER A 17 -2.71 7.79 5.59
N LEU A 18 -3.66 6.96 5.16
CA LEU A 18 -5.04 7.43 5.04
C LEU A 18 -5.69 7.56 6.42
N GLN A 19 -6.17 8.75 6.74
CA GLN A 19 -6.89 8.96 8.02
C GLN A 19 -8.35 9.39 7.96
N ILE A 20 -8.85 8.84 9.03
CA ILE A 20 -10.26 9.24 9.22
C ILE A 20 -10.36 10.39 10.18
N PHE A 21 -11.02 11.43 9.71
CA PHE A 21 -11.17 12.69 10.46
C PHE A 21 -12.55 12.86 11.07
N MET A 22 -12.66 12.67 12.38
CA MET A 22 -13.91 12.89 13.09
C MET A 22 -14.12 14.39 13.23
N TYR A 23 -15.14 14.93 12.56
CA TYR A 23 -15.41 16.36 12.54
C TYR A 23 -15.94 16.88 13.88
N HIS A 24 -16.55 16.00 14.65
CA HIS A 24 -17.12 16.40 15.93
C HIS A 24 -16.11 16.57 17.05
N ASN A 25 -14.85 16.87 16.72
CA ASN A 25 -13.73 16.92 17.69
C ASN A 25 -12.30 17.01 17.04
N ASN A 26 -12.20 17.27 15.73
CA ASN A 26 -10.93 17.37 14.96
C ASN A 26 -9.81 16.25 15.09
N ARG A 27 -10.21 15.09 15.57
CA ARG A 27 -9.30 14.02 15.77
C ARG A 27 -9.13 13.26 14.45
N ARG A 28 -7.88 12.86 14.19
CA ARG A 28 -7.48 12.13 13.00
C ARG A 28 -7.16 10.73 13.39
N TYR A 29 -7.65 9.74 12.69
CA TYR A 29 -7.24 8.37 13.01
C TYR A 29 -6.70 7.58 11.79
N HIS A 30 -5.49 7.10 11.89
CA HIS A 30 -4.92 6.29 10.84
C HIS A 30 -5.71 4.99 10.63
N THR A 31 -6.28 4.74 9.45
CA THR A 31 -7.05 3.50 9.34
C THR A 31 -6.53 2.67 8.23
N CYS A 32 -5.89 3.32 7.25
CA CYS A 32 -5.35 2.61 6.12
C CYS A 32 -4.04 3.13 5.58
N GLY A 33 -3.37 2.36 4.70
CA GLY A 33 -2.13 2.79 4.14
C GLY A 33 -2.44 3.16 2.75
N GLY A 34 -1.45 3.55 1.95
CA GLY A 34 -1.64 4.01 0.60
C GLY A 34 -0.33 4.24 -0.11
N ILE A 35 -0.39 4.38 -1.45
CA ILE A 35 0.85 4.50 -2.17
C ILE A 35 0.91 5.74 -3.07
N LEU A 36 1.89 6.60 -2.84
CA LEU A 36 2.04 7.78 -3.65
C LEU A 36 2.51 7.49 -5.09
N LEU A 37 1.63 7.73 -6.05
CA LEU A 37 1.89 7.54 -7.47
C LEU A 37 2.42 8.83 -8.03
N ASN A 38 1.76 9.94 -7.79
CA ASN A 38 2.39 11.16 -8.23
C ASN A 38 1.95 12.29 -7.41
N SER A 39 2.31 13.47 -7.87
CA SER A 39 2.02 14.68 -7.15
C SER A 39 0.61 14.77 -6.71
N HIS A 40 -0.29 14.05 -7.39
CA HIS A 40 -1.71 14.13 -7.08
C HIS A 40 -2.58 12.83 -6.95
N TRP A 41 -1.96 11.66 -7.08
CA TRP A 41 -2.73 10.43 -6.94
C TRP A 41 -2.15 9.53 -5.90
N VAL A 42 -2.96 8.74 -5.22
CA VAL A 42 -2.42 7.82 -4.23
C VAL A 42 -3.08 6.50 -4.47
N LEU A 43 -2.41 5.37 -4.60
CA LEU A 43 -3.14 4.11 -4.84
C LEU A 43 -3.55 3.48 -3.53
N THR A 44 -4.77 2.98 -3.39
CA THR A 44 -5.04 2.37 -2.14
C THR A 44 -5.98 1.22 -2.32
N ALA A 45 -6.41 0.69 -1.19
CA ALA A 45 -7.39 -0.40 -1.21
C ALA A 45 -8.86 0.12 -1.24
N ALA A 46 -9.76 -0.61 -1.88
CA ALA A 46 -11.12 -0.13 -1.96
C ALA A 46 -11.83 -0.24 -0.59
N HIS A 47 -11.68 -1.37 0.06
CA HIS A 47 -12.37 -1.56 1.33
C HIS A 47 -12.21 -0.56 2.39
N CYS A 48 -11.17 0.14 2.20
CA CYS A 48 -10.89 1.21 3.16
C CYS A 48 -12.08 2.20 3.30
N PHE A 49 -12.62 2.69 2.20
CA PHE A 49 -13.71 3.64 2.20
C PHE A 49 -15.15 3.05 2.50
N LYS A 50 -15.23 1.92 3.21
CA LYS A 50 -16.52 1.34 3.58
C LYS A 50 -17.27 2.33 4.50
N ASN A 51 -18.54 2.59 4.22
CA ASN A 51 -19.32 3.55 4.99
C ASN A 51 -18.61 4.88 5.13
N LYS A 52 -17.61 5.13 4.30
CA LYS A 52 -16.90 6.38 4.41
C LYS A 52 -16.62 6.80 3.02
N LYS A 53 -17.59 7.32 2.31
CA LYS A 53 -17.29 7.74 0.99
C LYS A 53 -17.42 9.20 0.78
N LYS A 54 -17.48 9.98 1.82
CA LYS A 54 -17.52 11.44 1.62
C LYS A 54 -16.08 12.05 1.62
N VAL A 55 -15.69 12.62 0.51
CA VAL A 55 -14.35 13.22 0.48
C VAL A 55 -13.85 14.00 1.74
N THR A 56 -14.79 14.36 2.57
CA THR A 56 -14.35 15.13 3.72
C THR A 56 -14.20 14.28 4.98
N ASP A 57 -14.35 12.95 4.90
CA ASP A 57 -14.11 12.16 6.07
C ASP A 57 -12.65 11.80 6.08
N TRP A 58 -11.88 12.27 5.11
CA TRP A 58 -10.48 11.86 5.12
C TRP A 58 -9.43 12.93 5.17
N ARG A 59 -8.23 12.56 5.58
CA ARG A 59 -7.11 13.46 5.59
C ARG A 59 -5.92 12.60 5.22
N LEU A 60 -5.03 13.12 4.40
CA LEU A 60 -3.84 12.36 3.98
C LEU A 60 -2.51 12.86 4.58
N ILE A 61 -1.67 11.96 5.11
CA ILE A 61 -0.42 12.38 5.61
C ILE A 61 0.75 11.79 4.82
N PHE A 62 1.55 12.67 4.23
CA PHE A 62 2.79 12.25 3.52
C PHE A 62 4.06 12.66 4.22
N GLY A 63 5.03 11.90 3.95
CA GLY A 63 6.42 12.10 4.41
C GLY A 63 6.51 11.72 5.87
N ALA A 64 5.65 10.83 6.29
CA ALA A 64 5.70 10.49 7.70
C ALA A 64 6.41 9.18 8.00
N ASN A 65 6.86 9.07 9.26
CA ASN A 65 7.49 7.85 9.79
C ASN A 65 6.85 7.49 11.10
N GLU A 66 6.40 8.55 11.78
CA GLU A 66 5.77 8.42 13.07
C GLU A 66 4.37 8.95 12.92
N VAL A 67 3.41 8.19 13.31
CA VAL A 67 2.03 8.63 13.20
C VAL A 67 1.37 8.58 14.57
N VAL A 68 0.67 9.64 14.95
CA VAL A 68 0.01 9.58 16.23
C VAL A 68 -1.47 9.28 16.16
N TRP A 69 -1.96 8.49 17.11
CA TRP A 69 -3.43 8.21 17.16
C TRP A 69 -4.25 9.52 17.27
N GLY A 70 -5.59 9.48 17.25
CA GLY A 70 -6.38 10.70 17.20
C GLY A 70 -5.61 11.99 17.52
N SER A 71 -5.19 12.81 16.57
CA SER A 71 -4.46 14.01 16.97
C SER A 71 -5.07 15.16 16.25
N ASN A 72 -4.96 16.34 16.82
CA ASN A 72 -5.55 17.52 16.20
C ASN A 72 -4.50 18.52 15.76
N LYS A 73 -3.33 18.42 16.42
CA LYS A 73 -2.17 19.26 16.14
C LYS A 73 -1.85 19.19 14.63
N PRO A 74 -1.49 20.30 13.99
CA PRO A 74 -1.17 20.26 12.58
C PRO A 74 0.14 19.48 12.42
N VAL A 75 0.47 19.15 11.19
CA VAL A 75 1.72 18.44 10.91
C VAL A 75 2.77 19.41 10.36
N LYS A 76 3.93 19.36 11.00
CA LYS A 76 5.02 20.26 10.59
C LYS A 76 5.99 19.54 9.65
N PRO A 77 6.43 20.26 8.59
CA PRO A 77 7.33 19.71 7.57
C PRO A 77 8.49 18.95 8.14
N PRO A 78 9.07 18.02 7.39
CA PRO A 78 8.68 17.73 6.01
C PRO A 78 7.31 17.01 5.88
N LEU A 79 6.70 16.50 6.96
CA LEU A 79 5.40 15.83 6.89
C LEU A 79 4.38 16.71 6.17
N GLN A 80 3.54 16.11 5.33
CA GLN A 80 2.51 16.87 4.66
C GLN A 80 1.13 16.31 4.95
N GLU A 81 0.13 17.19 4.87
CA GLU A 81 -1.22 16.77 5.14
C GLU A 81 -2.04 17.27 4.03
N ARG A 82 -2.99 16.46 3.59
CA ARG A 82 -3.80 16.87 2.45
C ARG A 82 -5.28 16.41 2.42
N PHE A 83 -6.08 17.02 1.55
CA PHE A 83 -7.47 16.68 1.49
C PHE A 83 -7.69 15.86 0.28
N VAL A 84 -8.74 15.06 0.36
CA VAL A 84 -9.21 14.23 -0.73
C VAL A 84 -10.09 14.99 -1.70
N GLU A 85 -9.74 14.95 -2.96
CA GLU A 85 -10.53 15.62 -3.90
C GLU A 85 -11.37 14.58 -4.53
N GLU A 86 -10.89 13.35 -4.68
CA GLU A 86 -11.68 12.31 -5.34
C GLU A 86 -11.57 10.93 -4.69
N ILE A 87 -12.62 10.09 -4.78
CA ILE A 87 -12.45 8.71 -4.34
C ILE A 87 -12.90 7.82 -5.45
N ILE A 88 -12.00 7.17 -6.16
CA ILE A 88 -12.48 6.30 -7.23
C ILE A 88 -12.36 4.82 -6.86
N ILE A 89 -13.44 4.19 -6.37
CA ILE A 89 -13.39 2.77 -6.01
C ILE A 89 -13.48 2.08 -7.32
N HIS A 90 -12.98 0.88 -7.55
CA HIS A 90 -12.97 0.24 -8.88
C HIS A 90 -14.37 -0.17 -9.28
N GLU A 91 -14.76 0.19 -10.47
CA GLU A 91 -16.10 -0.17 -10.97
C GLU A 91 -16.61 -1.60 -10.67
N LYS A 92 -15.76 -2.60 -10.66
CA LYS A 92 -16.27 -3.95 -10.41
C LYS A 92 -15.83 -4.47 -9.10
N TYR A 93 -15.67 -3.59 -8.11
CA TYR A 93 -15.30 -4.00 -6.80
C TYR A 93 -16.39 -4.82 -6.11
N VAL A 94 -16.04 -5.81 -5.32
CA VAL A 94 -17.01 -6.63 -4.60
C VAL A 94 -16.79 -6.60 -3.09
N SER A 95 -17.63 -5.87 -2.40
CA SER A 95 -17.54 -5.68 -0.96
C SER A 95 -17.70 -7.00 -0.27
N GLY A 96 -17.12 -7.20 0.91
CA GLY A 96 -17.36 -8.48 1.60
C GLY A 96 -16.33 -9.53 1.18
N LEU A 97 -16.38 -9.92 -0.08
CA LEU A 97 -15.44 -10.91 -0.54
C LEU A 97 -14.12 -10.16 -0.82
N GLU A 98 -14.18 -8.84 -0.96
CA GLU A 98 -12.95 -8.14 -1.16
C GLU A 98 -12.29 -8.54 -2.49
N ILE A 99 -13.02 -8.35 -3.58
CA ILE A 99 -12.64 -8.63 -4.95
C ILE A 99 -12.43 -7.35 -5.67
N ASN A 100 -11.39 -7.28 -6.52
CA ASN A 100 -11.02 -6.04 -7.23
C ASN A 100 -10.85 -4.96 -6.15
N ASP A 101 -10.20 -5.31 -5.04
CA ASP A 101 -10.04 -4.39 -3.95
C ASP A 101 -8.99 -3.41 -4.41
N ILE A 102 -9.37 -2.36 -5.10
CA ILE A 102 -8.39 -1.36 -5.46
C ILE A 102 -9.06 -0.01 -5.69
N ALA A 103 -8.47 1.07 -5.20
CA ALA A 103 -9.04 2.40 -5.37
C ALA A 103 -8.00 3.47 -5.67
N LEU A 104 -8.46 4.64 -6.12
CA LEU A 104 -7.54 5.68 -6.46
C LEU A 104 -7.99 6.90 -5.78
N ILE A 105 -7.07 7.72 -5.29
CA ILE A 105 -7.50 8.94 -4.59
C ILE A 105 -6.84 10.15 -5.14
N LYS A 106 -7.59 11.22 -5.42
CA LYS A 106 -6.93 12.42 -5.91
C LYS A 106 -6.78 13.40 -4.77
N ILE A 107 -5.58 13.92 -4.63
CA ILE A 107 -5.22 14.80 -3.54
C ILE A 107 -5.40 16.29 -3.84
N THR A 108 -5.61 17.08 -2.81
CA THR A 108 -5.74 18.49 -3.02
C THR A 108 -5.42 19.23 -1.74
N PRO A 109 -4.51 20.18 -1.82
CA PRO A 109 -3.73 20.57 -3.00
C PRO A 109 -2.64 19.53 -3.22
N PRO A 110 -1.95 19.56 -4.32
CA PRO A 110 -0.92 18.53 -4.57
C PRO A 110 0.28 18.53 -3.60
N VAL A 111 1.06 17.45 -3.52
CA VAL A 111 2.12 17.41 -2.60
C VAL A 111 3.45 17.60 -3.31
N PRO A 112 4.38 18.24 -2.68
CA PRO A 112 5.68 18.41 -3.24
C PRO A 112 6.53 17.27 -2.87
N CYS A 113 7.16 16.70 -3.87
CA CYS A 113 8.07 15.56 -3.62
C CYS A 113 9.45 16.01 -3.18
N GLY A 114 9.98 15.52 -2.06
CA GLY A 114 11.29 15.91 -1.57
C GLY A 114 12.09 14.73 -1.01
N PRO A 115 12.88 14.96 0.00
CA PRO A 115 13.68 13.89 0.65
C PRO A 115 12.87 12.84 1.37
N PHE A 116 11.69 13.21 1.83
CA PHE A 116 10.81 12.25 2.45
C PHE A 116 9.51 11.92 1.70
N ILE A 117 9.34 12.29 0.44
CA ILE A 117 8.11 12.03 -0.31
C ILE A 117 8.44 11.89 -1.79
N GLY A 118 8.12 10.75 -2.39
CA GLY A 118 8.30 10.54 -3.79
C GLY A 118 7.52 9.36 -4.22
N PRO A 119 7.36 9.15 -5.49
CA PRO A 119 6.54 8.06 -5.99
C PRO A 119 7.06 6.64 -5.84
N GLY A 120 6.30 5.60 -6.11
CA GLY A 120 6.77 4.23 -6.07
C GLY A 120 6.66 3.75 -7.50
N CYS A 121 7.11 2.56 -7.85
CA CYS A 121 6.93 2.15 -9.24
C CYS A 121 5.89 1.05 -9.34
N LEU A 122 5.16 0.98 -10.45
CA LEU A 122 4.26 -0.08 -10.66
C LEU A 122 4.82 -0.99 -11.68
N PRO A 123 4.23 -2.12 -11.83
CA PRO A 123 4.73 -3.06 -12.83
C PRO A 123 4.63 -2.60 -14.23
N GLN A 124 5.30 -3.29 -15.17
CA GLN A 124 5.21 -2.89 -16.58
C GLN A 124 4.21 -3.73 -17.29
N PHE A 125 3.63 -3.25 -18.37
CA PHE A 125 2.64 -4.05 -19.03
C PHE A 125 3.20 -5.42 -19.29
N LYS A 126 4.46 -5.39 -19.54
CA LYS A 126 5.24 -6.58 -19.92
C LYS A 126 5.45 -7.57 -18.72
N ALA A 127 5.18 -7.10 -17.52
CA ALA A 127 5.49 -7.86 -16.30
C ALA A 127 4.87 -9.22 -16.09
N GLY A 128 3.58 -9.33 -16.20
CA GLY A 128 2.94 -10.56 -15.82
C GLY A 128 2.82 -10.70 -14.31
N PRO A 129 2.22 -11.74 -13.82
CA PRO A 129 2.07 -11.87 -12.36
C PRO A 129 3.38 -12.20 -11.63
N PRO A 130 3.52 -11.77 -10.39
CA PRO A 130 4.70 -12.10 -9.59
C PRO A 130 5.03 -13.57 -9.56
N ARG A 131 6.20 -13.91 -10.07
CA ARG A 131 6.70 -15.29 -10.16
C ARG A 131 7.49 -15.60 -8.87
N ALA A 132 7.33 -16.51 -7.99
CA ALA A 132 8.22 -16.84 -6.89
C ALA A 132 9.29 -17.84 -7.35
N PRO A 133 10.42 -17.90 -6.63
CA PRO A 133 10.71 -16.96 -5.50
C PRO A 133 11.17 -15.56 -5.73
N GLN A 134 10.94 -14.73 -4.69
CA GLN A 134 11.40 -13.36 -4.83
C GLN A 134 11.60 -12.59 -3.45
N THR A 135 12.33 -11.49 -3.38
CA THR A 135 12.42 -10.82 -2.06
C THR A 135 11.52 -9.62 -1.99
N CYS A 136 10.46 -9.70 -1.14
CA CYS A 136 9.58 -8.60 -0.99
C CYS A 136 9.51 -8.04 0.43
N TRP A 137 9.09 -6.79 0.51
CA TRP A 137 8.93 -6.19 1.77
C TRP A 137 7.55 -5.62 1.86
N VAL A 138 6.98 -5.53 3.09
CA VAL A 138 5.68 -4.88 3.28
C VAL A 138 5.90 -3.86 4.40
N THR A 139 5.20 -2.71 4.37
CA THR A 139 5.24 -1.66 5.32
C THR A 139 3.88 -1.18 5.77
N GLY A 140 3.81 -0.68 6.97
CA GLY A 140 2.55 -0.20 7.38
C GLY A 140 2.50 0.26 8.84
N TRP A 141 1.43 1.03 9.22
CA TRP A 141 1.14 1.45 10.62
C TRP A 141 -0.01 0.64 11.30
N GLY A 142 -0.22 -0.61 10.88
CA GLY A 142 -1.30 -1.38 11.43
C GLY A 142 -0.98 -2.05 12.75
N TYR A 143 -1.77 -3.05 13.12
CA TYR A 143 -1.57 -3.74 14.35
C TYR A 143 -0.26 -4.42 14.28
N LEU A 144 0.32 -4.66 15.44
CA LEU A 144 1.54 -5.39 15.61
C LEU A 144 1.20 -6.83 15.92
N LYS A 145 -0.01 -7.09 16.39
CA LYS A 145 -0.47 -8.46 16.69
C LYS A 145 -1.98 -8.68 16.38
N GLU A 146 -2.40 -9.91 16.04
CA GLU A 146 -3.79 -10.13 15.78
C GLU A 146 -4.46 -9.32 16.84
N LYS A 147 -5.40 -8.47 16.43
CA LYS A 147 -6.20 -7.69 17.34
C LYS A 147 -5.28 -6.70 18.06
N GLY A 148 -5.50 -6.38 19.32
CA GLY A 148 -4.63 -5.44 20.03
C GLY A 148 -5.04 -4.08 19.50
N PRO A 149 -5.90 -3.39 20.23
CA PRO A 149 -6.56 -2.14 19.81
C PRO A 149 -5.59 -1.18 19.18
N ARG A 150 -4.58 -0.72 19.93
CA ARG A 150 -3.48 0.21 19.43
C ARG A 150 -2.76 -0.13 18.10
N THR A 151 -2.43 0.87 17.25
CA THR A 151 -1.69 0.59 16.04
C THR A 151 -0.34 1.06 16.27
N SER A 152 0.49 0.88 15.26
CA SER A 152 1.87 1.26 15.46
C SER A 152 2.16 2.72 15.22
N PRO A 153 2.62 3.44 16.20
CA PRO A 153 2.97 4.83 15.91
C PRO A 153 4.12 4.97 14.93
N THR A 154 5.07 4.04 14.96
CA THR A 154 6.19 4.14 14.05
C THR A 154 6.01 3.23 12.86
N LEU A 155 6.15 3.74 11.65
CA LEU A 155 6.02 2.88 10.48
C LEU A 155 6.85 1.65 10.64
N GLN A 156 6.28 0.47 10.38
CA GLN A 156 6.98 -0.81 10.42
C GLN A 156 7.26 -1.41 9.04
N GLU A 157 8.18 -2.42 8.97
CA GLU A 157 8.56 -3.10 7.70
C GLU A 157 8.91 -4.48 8.02
N ALA A 158 8.73 -5.40 7.08
CA ALA A 158 9.02 -6.80 7.29
C ALA A 158 9.36 -7.52 5.99
N ARG A 159 10.25 -8.48 6.05
CA ARG A 159 10.50 -9.12 4.78
C ARG A 159 9.59 -10.34 4.65
N VAL A 160 8.97 -10.49 3.49
CA VAL A 160 8.06 -11.63 3.37
C VAL A 160 8.35 -12.42 2.11
N ALA A 161 7.82 -13.62 2.00
CA ALA A 161 8.04 -14.46 0.85
C ALA A 161 6.73 -14.60 0.02
N LEU A 162 6.86 -14.43 -1.31
CA LEU A 162 5.81 -14.72 -2.22
C LEU A 162 5.48 -16.19 -2.10
N ILE A 163 4.18 -16.55 -2.10
CA ILE A 163 3.78 -17.92 -2.11
C ILE A 163 3.01 -18.15 -3.38
N ASP A 164 3.26 -19.25 -4.10
CA ASP A 164 2.44 -19.55 -5.26
C ASP A 164 1.03 -19.60 -5.08
N LEU A 165 0.30 -19.21 -6.05
CA LEU A 165 -1.12 -19.30 -5.77
C LEU A 165 -1.68 -20.73 -5.64
N GLU A 166 -1.15 -21.66 -6.44
CA GLU A 166 -1.65 -23.03 -6.27
C GLU A 166 -1.47 -23.44 -4.85
N LEU A 167 -0.50 -22.90 -4.12
CA LEU A 167 -0.35 -23.35 -2.74
C LEU A 167 -1.27 -22.58 -1.84
N CYS A 168 -1.27 -21.27 -2.04
CA CYS A 168 -2.12 -20.35 -1.31
C CYS A 168 -3.59 -20.81 -1.39
N ASN A 169 -4.00 -21.43 -2.49
CA ASN A 169 -5.42 -21.83 -2.63
C ASN A 169 -5.72 -23.25 -2.20
N SER A 170 -4.73 -24.07 -2.07
CA SER A 170 -4.94 -25.45 -1.69
C SER A 170 -5.81 -25.54 -0.42
N THR A 171 -6.44 -26.69 -0.25
CA THR A 171 -7.37 -26.94 0.83
C THR A 171 -6.87 -26.61 2.20
N ARG A 172 -5.64 -26.96 2.41
CA ARG A 172 -5.11 -26.78 3.72
C ARG A 172 -4.78 -25.33 4.01
N TRP A 173 -4.90 -24.47 3.01
CA TRP A 173 -4.60 -23.05 3.18
C TRP A 173 -5.86 -22.17 3.06
N TYR A 174 -6.17 -21.64 1.89
CA TYR A 174 -7.37 -20.85 1.75
C TYR A 174 -8.47 -21.65 1.04
N ASN A 175 -8.14 -22.80 0.51
CA ASN A 175 -9.13 -23.66 -0.09
C ASN A 175 -10.17 -22.98 -0.89
N GLY A 176 -9.70 -22.43 -1.99
CA GLY A 176 -10.46 -21.84 -3.10
C GLY A 176 -10.73 -20.35 -3.09
N ARG A 177 -10.68 -19.70 -1.90
CA ARG A 177 -11.00 -18.28 -1.88
C ARG A 177 -10.10 -17.33 -2.71
N ILE A 178 -8.95 -17.80 -3.25
CA ILE A 178 -8.05 -16.96 -4.04
C ILE A 178 -8.28 -16.88 -5.54
N ARG A 179 -8.10 -15.71 -6.11
CA ARG A 179 -8.33 -15.52 -7.53
C ARG A 179 -7.09 -15.07 -8.23
N SER A 180 -7.15 -15.05 -9.55
CA SER A 180 -5.98 -14.69 -10.30
C SER A 180 -5.56 -13.26 -10.11
N THR A 181 -6.42 -12.36 -9.66
CA THR A 181 -5.93 -11.00 -9.51
C THR A 181 -5.36 -10.82 -8.15
N ASN A 182 -5.09 -11.88 -7.43
CA ASN A 182 -4.54 -11.71 -6.12
C ASN A 182 -3.02 -12.00 -6.04
N VAL A 183 -2.40 -12.02 -4.86
CA VAL A 183 -1.00 -12.34 -4.73
C VAL A 183 -0.82 -12.68 -3.28
N CYS A 184 -0.21 -13.79 -2.99
CA CYS A 184 -0.09 -14.14 -1.61
C CYS A 184 1.42 -14.03 -1.19
N ALA A 185 1.67 -13.50 -0.01
CA ALA A 185 2.96 -13.25 0.50
C ALA A 185 2.98 -13.47 2.02
N GLY A 186 3.97 -14.22 2.49
CA GLY A 186 4.09 -14.46 3.92
C GLY A 186 4.96 -15.65 4.19
N TYR A 187 4.60 -16.46 5.17
CA TYR A 187 5.32 -17.68 5.44
C TYR A 187 4.44 -18.83 5.90
N PRO A 188 4.83 -20.03 5.55
CA PRO A 188 4.07 -21.22 5.89
C PRO A 188 3.81 -21.34 7.31
N ARG A 189 4.78 -20.91 8.09
CA ARG A 189 4.62 -20.99 9.54
C ARG A 189 4.11 -19.64 10.06
N GLY A 190 3.78 -18.71 9.20
CA GLY A 190 3.35 -17.40 9.68
C GLY A 190 4.27 -16.54 10.49
N LYS A 191 3.77 -15.99 11.57
CA LYS A 191 4.61 -15.14 12.37
C LYS A 191 4.91 -13.78 11.76
N ILE A 192 4.95 -13.68 10.44
CA ILE A 192 5.19 -12.38 9.83
C ILE A 192 4.11 -12.14 8.82
N ASP A 193 3.49 -10.96 8.87
CA ASP A 193 2.38 -10.63 7.99
C ASP A 193 1.86 -9.21 8.21
N THR A 194 0.96 -8.75 7.33
CA THR A 194 0.30 -7.47 7.48
C THR A 194 -0.89 -7.67 8.45
N CYS A 195 -1.68 -6.63 8.64
CA CYS A 195 -2.73 -6.71 9.58
C CYS A 195 -3.59 -5.46 9.40
N GLN A 196 -4.78 -5.41 10.04
CA GLN A 196 -5.71 -4.24 9.94
C GLN A 196 -4.86 -2.98 10.11
N GLY A 197 -5.16 -2.01 9.28
CA GLY A 197 -4.37 -0.83 9.33
C GLY A 197 -3.26 -0.84 8.32
N ASP A 198 -2.95 -2.00 7.83
CA ASP A 198 -1.95 -1.98 6.81
C ASP A 198 -2.58 -1.93 5.49
N SER A 199 -3.86 -2.22 5.44
CA SER A 199 -4.60 -2.25 4.19
C SER A 199 -4.35 -1.00 3.34
N GLY A 200 -4.22 -1.24 2.04
CA GLY A 200 -4.06 -0.16 1.12
C GLY A 200 -2.61 0.01 0.92
N GLY A 201 -1.84 -0.67 1.76
CA GLY A 201 -0.39 -0.54 1.75
C GLY A 201 0.30 -1.33 0.65
N PRO A 202 1.60 -1.15 0.41
CA PRO A 202 2.27 -1.89 -0.68
C PRO A 202 2.97 -3.23 -0.43
N LEU A 203 3.10 -4.02 -1.47
CA LEU A 203 3.89 -5.23 -1.41
C LEU A 203 4.94 -4.99 -2.47
N MET A 204 6.15 -4.72 -2.01
CA MET A 204 7.25 -4.39 -2.91
C MET A 204 8.21 -5.53 -3.11
N CYS A 205 8.66 -5.66 -4.31
CA CYS A 205 9.61 -6.73 -4.64
C CYS A 205 10.73 -6.28 -5.61
N ARG A 206 11.61 -7.22 -5.89
CA ARG A 206 12.66 -7.05 -6.84
C ARG A 206 13.49 -8.29 -6.81
N ASP A 207 14.47 -8.39 -7.69
CA ASP A 207 15.37 -9.54 -7.70
C ASP A 207 16.68 -9.12 -7.05
N ARG A 208 17.42 -10.09 -6.53
CA ARG A 208 18.64 -9.79 -5.86
C ARG A 208 19.52 -8.96 -6.77
N ALA A 209 19.46 -9.15 -8.08
CA ALA A 209 20.30 -8.38 -8.97
C ALA A 209 19.74 -7.06 -9.40
N GLU A 210 18.54 -6.77 -8.92
CA GLU A 210 17.92 -5.57 -9.38
C GLU A 210 18.08 -4.44 -8.40
N ASN A 211 18.12 -3.25 -9.00
CA ASN A 211 18.33 -1.98 -8.37
C ASN A 211 17.14 -1.45 -7.56
N THR A 212 15.93 -1.37 -8.17
CA THR A 212 14.73 -0.73 -7.60
C THR A 212 13.52 -1.62 -7.10
N PHE A 213 12.78 -1.18 -6.13
CA PHE A 213 11.71 -2.02 -5.73
C PHE A 213 10.45 -1.73 -6.51
N VAL A 214 9.45 -2.59 -6.49
CA VAL A 214 8.25 -2.30 -7.30
C VAL A 214 7.02 -2.70 -6.57
N VAL A 215 5.95 -1.91 -6.54
CA VAL A 215 4.72 -2.26 -5.84
C VAL A 215 3.99 -3.30 -6.68
N VAL A 216 4.02 -4.55 -6.29
CA VAL A 216 3.36 -5.60 -7.05
C VAL A 216 1.99 -5.95 -6.46
N GLY A 217 1.75 -5.44 -5.26
CA GLY A 217 0.46 -5.56 -4.67
C GLY A 217 0.03 -4.57 -3.60
N ILE A 218 -1.28 -4.57 -3.33
CA ILE A 218 -1.88 -3.72 -2.32
C ILE A 218 -2.46 -4.64 -1.25
N THR A 219 -2.16 -4.39 0.01
CA THR A 219 -2.63 -5.26 1.10
C THR A 219 -4.13 -5.29 1.10
N SER A 220 -4.66 -6.49 1.02
CA SER A 220 -6.12 -6.64 0.93
C SER A 220 -6.79 -7.28 2.13
N TRP A 221 -6.58 -8.56 2.41
CA TRP A 221 -7.19 -9.15 3.58
C TRP A 221 -6.40 -10.41 4.00
N GLY A 222 -7.08 -11.32 4.71
CA GLY A 222 -6.54 -12.57 5.14
C GLY A 222 -7.25 -13.03 6.39
N VAL A 223 -6.96 -14.26 6.78
CA VAL A 223 -7.55 -14.83 7.96
C VAL A 223 -6.75 -14.57 9.20
N GLY A 224 -6.94 -13.70 9.98
CA GLY A 224 -6.28 -13.29 11.20
C GLY A 224 -5.06 -12.56 10.70
N CYS A 225 -3.94 -12.64 11.44
CA CYS A 225 -2.71 -12.00 11.06
C CYS A 225 -1.66 -12.90 11.59
N ALA A 226 -0.81 -13.29 10.67
CA ALA A 226 0.38 -14.07 11.00
C ALA A 226 0.01 -15.42 11.51
N ARG A 227 -0.79 -16.16 10.79
CA ARG A 227 -1.15 -17.49 11.21
C ARG A 227 -0.66 -18.52 10.20
N ALA A 228 -0.40 -19.71 10.70
CA ALA A 228 0.14 -20.78 9.90
C ALA A 228 -0.75 -20.99 8.72
N LYS A 229 -0.10 -21.17 7.59
CA LYS A 229 -0.82 -21.39 6.36
C LYS A 229 -1.90 -20.40 5.98
N ARG A 230 -1.90 -19.22 6.58
CA ARG A 230 -2.85 -18.22 6.19
C ARG A 230 -2.09 -16.93 5.74
N PRO A 231 -1.45 -16.95 4.62
CA PRO A 231 -0.67 -15.81 4.25
C PRO A 231 -1.52 -14.65 3.95
N GLY A 232 -1.02 -13.45 3.97
CA GLY A 232 -1.75 -12.32 3.55
C GLY A 232 -2.09 -12.36 2.08
N VAL A 233 -3.32 -11.96 1.75
CA VAL A 233 -3.78 -11.91 0.37
C VAL A 233 -3.71 -10.48 -0.19
N TYR A 234 -2.99 -10.25 -1.27
CA TYR A 234 -2.89 -8.91 -1.78
C TYR A 234 -3.52 -8.75 -3.16
N THR A 235 -3.80 -7.50 -3.52
CA THR A 235 -4.34 -7.19 -4.81
C THR A 235 -3.15 -7.01 -5.71
N SER A 236 -3.08 -7.86 -6.72
CA SER A 236 -1.99 -7.73 -7.64
C SER A 236 -2.14 -6.50 -8.48
N THR A 237 -1.22 -5.57 -8.42
CA THR A 237 -1.36 -4.34 -9.21
C THR A 237 -1.26 -4.52 -10.70
N TRP A 238 -0.43 -5.45 -11.14
CA TRP A 238 -0.21 -5.70 -12.59
C TRP A 238 -1.48 -5.73 -13.41
N PRO A 239 -2.47 -6.56 -13.09
CA PRO A 239 -3.71 -6.61 -13.90
C PRO A 239 -4.55 -5.34 -13.83
N TYR A 240 -4.19 -4.41 -13.00
CA TYR A 240 -4.96 -3.20 -12.99
C TYR A 240 -4.27 -2.03 -13.68
N LEU A 241 -3.10 -2.22 -14.30
CA LEU A 241 -2.47 -1.09 -15.04
C LEU A 241 -3.54 -0.41 -15.97
N ASN A 242 -4.17 -1.27 -16.72
CA ASN A 242 -5.42 -1.16 -17.40
C ASN A 242 -6.33 -0.04 -16.77
N TRP A 243 -6.91 -0.35 -15.63
CA TRP A 243 -7.74 0.62 -14.93
C TRP A 243 -6.99 1.87 -14.42
N ILE A 244 -5.84 1.64 -13.88
CA ILE A 244 -5.08 2.79 -13.40
C ILE A 244 -4.87 3.80 -14.52
N ALA A 245 -4.56 3.26 -15.68
CA ALA A 245 -4.21 4.14 -16.76
C ALA A 245 -5.43 4.91 -17.18
N SER A 246 -6.61 4.29 -17.11
CA SER A 246 -7.82 4.98 -17.55
C SER A 246 -8.24 6.05 -16.59
N LYS A 247 -7.66 6.10 -15.41
CA LYS A 247 -8.07 7.12 -14.47
C LYS A 247 -6.99 8.20 -14.45
N ILE A 248 -5.74 7.78 -14.26
CA ILE A 248 -4.71 8.78 -14.12
C ILE A 248 -3.98 9.28 -15.37
N GLY A 249 -4.27 8.66 -16.53
CA GLY A 249 -3.62 8.99 -17.76
C GLY A 249 -2.43 8.11 -18.03
N SER A 250 -2.20 7.84 -19.33
CA SER A 250 -1.16 6.96 -19.83
C SER A 250 0.23 7.37 -19.37
N ASN A 251 0.56 8.63 -19.62
CA ASN A 251 1.88 9.17 -19.30
C ASN A 251 2.13 9.14 -17.83
N ALA A 252 1.10 9.44 -17.08
CA ALA A 252 1.26 9.41 -15.66
C ALA A 252 1.66 7.98 -15.34
N LEU A 253 0.99 7.00 -15.91
CA LEU A 253 1.36 5.70 -15.47
C LEU A 253 2.78 5.39 -16.00
N GLN A 254 3.10 5.93 -17.14
CA GLN A 254 4.35 5.64 -17.81
C GLN A 254 5.49 6.06 -16.95
N MET A 255 5.28 7.09 -16.17
CA MET A 255 6.29 7.75 -15.38
C MET A 255 6.55 7.03 -14.11
N VAL A 256 5.81 5.95 -13.92
CA VAL A 256 5.97 5.21 -12.68
C VAL A 256 6.33 3.78 -12.98
N GLN A 257 6.74 3.60 -14.22
CA GLN A 257 7.11 2.30 -14.70
C GLN A 257 8.60 2.25 -15.08
N LEU A 258 9.39 1.35 -14.57
CA LEU A 258 10.80 1.35 -14.93
C LEU A 258 10.99 0.93 -16.39
N GLY A 259 12.04 1.40 -17.03
CA GLY A 259 12.30 1.08 -18.42
C GLY A 259 13.07 -0.22 -18.53
N THR A 260 13.91 -0.31 -19.55
CA THR A 260 14.77 -1.46 -19.74
C THR A 260 16.24 -1.03 -19.53
N PRO A 261 16.61 -0.78 -18.27
CA PRO A 261 17.94 -0.26 -17.90
C PRO A 261 18.97 -1.42 -17.91
N PRO A 262 20.20 -1.17 -17.43
CA PRO A 262 21.23 -2.19 -17.25
C PRO A 262 20.93 -3.22 -16.18
N ARG A 263 21.24 -4.48 -16.43
CA ARG A 263 20.93 -5.59 -15.53
C ARG A 263 22.00 -6.06 -14.53
N ALA B 4 9.98 20.78 -6.82
CA ALA B 4 10.14 19.47 -6.15
C ALA B 4 9.14 18.52 -6.77
N THR B 5 9.16 18.46 -8.09
CA THR B 5 8.20 17.59 -8.78
C THR B 5 8.26 16.17 -8.28
N CYS B 6 7.13 15.50 -8.47
CA CYS B 6 6.97 14.12 -8.08
C CYS B 6 7.21 13.21 -9.23
N ASP B 7 7.73 13.75 -10.30
CA ASP B 7 8.07 12.94 -11.44
C ASP B 7 9.51 12.48 -11.22
N GLY B 8 10.25 12.17 -12.27
CA GLY B 8 11.58 11.65 -12.10
C GLY B 8 11.53 10.14 -11.83
N PRO B 9 12.69 9.50 -11.67
CA PRO B 9 12.78 8.05 -11.44
C PRO B 9 11.97 7.70 -10.20
N CYS B 10 11.18 6.66 -10.33
CA CYS B 10 10.33 6.16 -9.32
C CYS B 10 11.07 5.11 -8.60
N GLY B 11 10.44 4.73 -7.51
CA GLY B 11 10.91 3.70 -6.64
C GLY B 11 12.18 4.11 -5.92
N LEU B 12 12.41 5.41 -5.94
CA LEU B 12 13.58 5.98 -5.34
C LEU B 12 13.48 6.19 -3.85
N ARG B 13 14.40 5.57 -3.16
CA ARG B 13 14.33 5.63 -1.70
C ARG B 13 15.34 6.56 -1.07
N PHE B 14 15.29 6.74 0.22
CA PHE B 14 16.26 7.62 0.87
C PHE B 14 16.57 8.85 0.01
N ARG B 15 15.54 9.61 -0.29
CA ARG B 15 15.83 10.72 -1.14
C ARG B 15 16.69 11.62 -0.31
N GLN B 16 16.77 11.32 1.00
CA GLN B 16 17.64 12.07 1.93
C GLN B 16 19.22 12.13 1.63
C1 NAG C . -8.74 -21.93 -6.44
C2 NAG C . -8.62 -21.36 -7.87
C3 NAG C . -9.90 -21.08 -8.67
C4 NAG C . -10.96 -22.13 -8.46
C5 NAG C . -11.03 -22.03 -6.92
C6 NAG C . -11.24 -23.34 -6.30
C7 NAG C . -7.24 -19.61 -8.83
C8 NAG C . -6.60 -18.28 -8.59
N2 NAG C . -7.95 -20.10 -7.82
O3 NAG C . -9.67 -21.06 -10.02
O4 NAG C . -12.12 -21.59 -9.08
O5 NAG C . -9.96 -21.42 -6.16
O6 NAG C . -11.18 -24.34 -7.20
O7 NAG C . -7.15 -20.20 -9.90
C1 NDG C . -12.84 -22.38 -10.10
C2 NDG C . -14.29 -22.57 -9.63
C3 NDG C . -15.08 -23.43 -10.60
C4 NDG C . -14.41 -23.25 -11.97
C5 NDG C . -13.00 -23.83 -11.95
C6 NDG C . -12.17 -23.30 -13.15
C7 NDG C . -14.96 -22.85 -7.29
C8 NDG C . -15.74 -23.82 -6.44
O5 NDG C . -12.38 -23.58 -10.68
O3 NDG C . -16.42 -22.98 -10.57
O4 NDG C . -15.15 -23.70 -13.11
O6 NDG C . -11.94 -21.91 -13.05
O7 NDG C . -14.92 -21.68 -6.95
N2 NDG C . -14.33 -23.30 -8.40
C1 BMA C . -15.90 -24.91 -13.30
C2 BMA C . -17.16 -24.07 -13.16
C3 BMA C . -18.42 -24.55 -13.84
C4 BMA C . -18.07 -25.43 -15.03
C5 BMA C . -16.65 -25.19 -15.62
C6 BMA C . -16.50 -23.87 -16.39
O2 BMA C . -16.83 -22.82 -13.71
O3 BMA C . -19.18 -23.42 -14.25
O4 BMA C . -18.21 -26.77 -14.61
O5 BMA C . -15.62 -25.31 -14.65
O6 BMA C . -17.59 -23.67 -17.28
C1 FUL C . -11.42 -25.52 -6.42
C2 FUL C . -10.60 -25.70 -5.13
O2 FUL C . -11.50 -26.17 -4.15
C3 FUL C . -9.53 -26.78 -5.18
O3 FUL C . -8.39 -26.29 -5.75
C4 FUL C . -9.91 -27.98 -6.05
O4 FUL C . -8.74 -28.77 -6.31
C5 FUL C . -10.51 -27.58 -7.41
C6 FUL C . -9.48 -27.05 -8.39
O5 FUL C . -11.58 -26.67 -7.25
S SO4 D . 5.99 -1.77 -20.83
O1 SO4 D . 5.69 -3.20 -20.96
O2 SO4 D . 5.31 -1.20 -19.67
O3 SO4 D . 5.57 -1.02 -22.00
O4 SO4 D . 7.45 -1.60 -20.73
S SO4 E . -15.29 -16.89 3.34
O1 SO4 E . -15.41 -17.73 4.50
O2 SO4 E . -14.15 -15.95 3.71
O3 SO4 E . -16.52 -16.17 3.13
O4 SO4 E . -14.99 -17.67 2.16
S SO4 F . -11.47 -15.41 14.47
O1 SO4 F . -11.77 -16.64 15.20
O2 SO4 F . -10.90 -14.57 15.57
O3 SO4 F . -12.62 -14.92 13.63
O4 SO4 F . -10.44 -15.79 13.49
S SO4 G . 0.86 -28.09 3.40
O1 SO4 G . 0.68 -29.37 4.03
O2 SO4 G . 1.76 -27.32 4.23
O3 SO4 G . -0.42 -27.46 3.34
O4 SO4 G . 1.28 -28.15 2.00
N2 PBZ H . -2.22 -9.59 6.10
N3 PBZ H . -3.62 -11.26 6.99
C7 PBZ H . -3.36 -10.02 6.58
C4 PBZ H . -4.36 -9.01 6.65
C2 PBZ H . -6.68 -8.37 7.29
C3 PBZ H . -5.61 -9.28 7.14
C5 PBZ H . -4.10 -7.76 6.17
C6 PBZ H . -5.16 -6.82 6.32
C1 PBZ H . -6.45 -7.10 6.86
N1 PBZ H . -7.39 -6.08 6.91
#